data_3LP4
#
_entry.id   3LP4
#
_cell.length_a   90.729
_cell.length_b   90.729
_cell.length_c   69.509
_cell.angle_alpha   90.00
_cell.angle_beta   90.00
_cell.angle_gamma   120.00
#
_symmetry.space_group_name_H-M   'P 3'
#
loop_
_entity.id
_entity.type
_entity.pdbx_description
1 polymer Arginase-1
2 non-polymer 'MANGANESE (II) ION'
3 non-polymer LYSINE
4 water water
#
_entity_poly.entity_id   1
_entity_poly.type   'polypeptide(L)'
_entity_poly.pdbx_seq_one_letter_code
;MSAKSRTIGIIGAPFSKGQPRGGVEEGPTVLRKAGLLEKLKEQECDVKDYGDLPFADIPNDSPFQIVKNPRSVGKASEQL
AGKVAEVKKNGRISLVLGGDHSLAIGSISGHARVHPDLGVIWVDAHTDINTPLTTTSGNLHGQPVSFLLKELKGKIPDVP
GFSWVTPCISAKDIVYIGLRDVDPGEHYILKTLGIKYFSMTEVDRLGIGKVMEETLSYLLGRKKRPIHLSFDVDGLDPSF
TPATGTPVVGGLTYREGLYITEEIYKTGLLSGLDIMEVNPSLGKTPEEVTRTVNTAVAITLACFGLAREGNHKPIDYLNP
PK
;
_entity_poly.pdbx_strand_id   A,B
#
loop_
_chem_comp.id
_chem_comp.type
_chem_comp.name
_chem_comp.formula
MN non-polymer 'MANGANESE (II) ION' 'Mn 2'
#
# COMPACT_ATOMS: atom_id res chain seq x y z
N ARG A 6 -29.51 22.34 -5.63
CA ARG A 6 -29.30 23.81 -5.45
C ARG A 6 -28.18 24.29 -6.38
N THR A 7 -27.51 25.38 -6.00
CA THR A 7 -26.42 25.93 -6.80
C THR A 7 -25.11 25.25 -6.37
N ILE A 8 -24.55 24.48 -7.30
CA ILE A 8 -23.35 23.68 -7.04
C ILE A 8 -22.01 24.24 -7.52
N GLY A 9 -20.95 23.85 -6.81
CA GLY A 9 -19.59 24.25 -7.13
C GLY A 9 -18.73 23.01 -7.07
N ILE A 10 -18.53 22.36 -8.21
CA ILE A 10 -17.74 21.13 -8.28
C ILE A 10 -16.22 21.34 -8.26
N ILE A 11 -15.53 20.56 -7.42
CA ILE A 11 -14.08 20.64 -7.34
C ILE A 11 -13.45 19.25 -7.28
N GLY A 12 -12.58 18.95 -8.23
CA GLY A 12 -11.93 17.66 -8.26
C GLY A 12 -10.71 17.63 -7.36
N ALA A 13 -10.55 16.56 -6.58
CA ALA A 13 -9.42 16.43 -5.68
C ALA A 13 -8.71 15.08 -5.84
N PRO A 14 -7.94 14.92 -6.92
CA PRO A 14 -7.20 13.69 -7.20
C PRO A 14 -6.03 13.51 -6.25
N PHE A 15 -6.32 13.07 -5.03
CA PHE A 15 -5.28 12.87 -4.04
C PHE A 15 -5.37 11.45 -3.49
N SER A 16 -4.21 10.84 -3.21
CA SER A 16 -4.14 9.47 -2.69
C SER A 16 -3.14 9.26 -1.55
N LYS A 17 -2.29 10.27 -1.32
CA LYS A 17 -1.25 10.20 -0.29
C LYS A 17 -1.69 10.11 1.17
N GLY A 18 -2.99 9.97 1.38
CA GLY A 18 -3.50 9.83 2.72
C GLY A 18 -3.51 8.35 3.05
N GLN A 19 -3.23 7.53 2.04
CA GLN A 19 -3.18 6.07 2.19
C GLN A 19 -2.28 5.39 1.13
N PRO A 20 -2.05 4.07 1.26
CA PRO A 20 -1.21 3.27 0.35
C PRO A 20 -1.62 3.03 -1.11
N ARG A 21 -2.84 2.55 -1.33
CA ARG A 21 -3.32 2.25 -2.69
C ARG A 21 -3.57 3.53 -3.53
N GLY A 22 -2.79 3.67 -4.59
CA GLY A 22 -2.88 4.86 -5.44
C GLY A 22 -4.06 5.20 -6.33
N GLY A 23 -4.67 4.20 -6.97
CA GLY A 23 -5.79 4.46 -7.86
C GLY A 23 -6.97 5.31 -7.41
N VAL A 24 -6.92 5.83 -6.18
CA VAL A 24 -8.00 6.64 -5.65
C VAL A 24 -7.98 8.06 -6.21
N GLU A 25 -6.82 8.50 -6.69
CA GLU A 25 -6.72 9.84 -7.26
C GLU A 25 -7.40 9.91 -8.63
N GLU A 26 -7.97 8.79 -9.06
CA GLU A 26 -8.68 8.73 -10.33
C GLU A 26 -10.16 8.99 -10.13
N GLY A 27 -10.59 8.98 -8.87
CA GLY A 27 -11.99 9.20 -8.55
C GLY A 27 -12.65 10.29 -9.38
N PRO A 28 -12.09 11.52 -9.38
CA PRO A 28 -12.65 12.63 -10.16
C PRO A 28 -12.90 12.25 -11.62
N THR A 29 -11.89 11.63 -12.24
CA THR A 29 -11.96 11.21 -13.63
C THR A 29 -13.13 10.29 -13.97
N VAL A 30 -13.28 9.20 -13.23
CA VAL A 30 -14.35 8.26 -13.48
C VAL A 30 -15.70 8.80 -13.07
N LEU A 31 -15.73 9.62 -12.02
CA LEU A 31 -17.00 10.17 -11.58
C LEU A 31 -17.53 11.15 -12.62
N ARG A 32 -16.61 11.86 -13.28
CA ARG A 32 -17.00 12.79 -14.34
C ARG A 32 -17.32 12.06 -15.64
N LYS A 33 -16.61 10.98 -15.90
CA LYS A 33 -16.84 10.18 -17.10
C LYS A 33 -18.21 9.52 -17.05
N ALA A 34 -18.68 9.25 -15.83
CA ALA A 34 -19.98 8.66 -15.67
C ALA A 34 -21.03 9.73 -16.02
N GLY A 35 -20.54 10.93 -16.32
CA GLY A 35 -21.42 12.03 -16.68
C GLY A 35 -22.10 12.72 -15.51
N LEU A 36 -21.38 12.91 -14.41
CA LEU A 36 -21.94 13.55 -13.23
C LEU A 36 -22.44 14.97 -13.50
N LEU A 37 -21.62 15.78 -14.16
CA LEU A 37 -21.99 17.17 -14.45
C LEU A 37 -23.31 17.24 -15.20
N GLU A 38 -23.38 16.52 -16.31
CA GLU A 38 -24.57 16.50 -17.13
C GLU A 38 -25.78 16.09 -16.29
N LYS A 39 -25.62 15.05 -15.49
CA LYS A 39 -26.68 14.55 -14.62
C LYS A 39 -27.16 15.64 -13.68
N LEU A 40 -26.22 16.30 -13.02
CA LEU A 40 -26.58 17.37 -12.10
C LEU A 40 -27.37 18.44 -12.86
N LYS A 41 -26.77 18.91 -13.95
CA LYS A 41 -27.42 19.92 -14.77
C LYS A 41 -28.81 19.45 -15.17
N GLU A 42 -28.99 18.14 -15.30
CA GLU A 42 -30.29 17.59 -15.67
C GLU A 42 -31.30 17.79 -14.54
N GLN A 43 -30.99 18.70 -13.62
CA GLN A 43 -31.87 18.99 -12.49
C GLN A 43 -31.89 20.49 -12.20
N GLU A 44 -32.42 20.84 -11.03
CA GLU A 44 -32.49 22.25 -10.61
C GLU A 44 -31.10 22.64 -10.12
N CYS A 45 -30.08 22.22 -10.87
CA CYS A 45 -28.71 22.50 -10.47
C CYS A 45 -27.91 23.43 -11.38
N ASP A 46 -27.41 24.51 -10.78
CA ASP A 46 -26.57 25.51 -11.46
C ASP A 46 -25.16 24.99 -11.18
N VAL A 47 -24.61 24.25 -12.13
CA VAL A 47 -23.30 23.66 -11.94
C VAL A 47 -22.10 24.37 -12.56
N LYS A 48 -21.08 24.60 -11.72
CA LYS A 48 -19.84 25.26 -12.12
C LYS A 48 -18.67 24.41 -11.63
N ASP A 49 -18.00 23.74 -12.55
CA ASP A 49 -16.86 22.90 -12.18
C ASP A 49 -15.60 23.74 -12.05
N TYR A 50 -15.03 23.78 -10.84
CA TYR A 50 -13.82 24.52 -10.58
C TYR A 50 -12.60 23.71 -11.00
N GLY A 51 -12.84 22.70 -11.84
CA GLY A 51 -11.77 21.85 -12.33
C GLY A 51 -11.15 20.97 -11.27
N ASP A 52 -10.03 20.35 -11.62
CA ASP A 52 -9.33 19.49 -10.69
C ASP A 52 -8.17 20.27 -10.10
N LEU A 53 -8.03 20.21 -8.78
CA LEU A 53 -6.95 20.90 -8.11
C LEU A 53 -5.63 20.24 -8.53
N PRO A 54 -4.57 21.05 -8.70
CA PRO A 54 -3.26 20.54 -9.08
C PRO A 54 -2.47 20.23 -7.81
N PHE A 55 -2.31 18.95 -7.50
CA PHE A 55 -1.58 18.55 -6.30
C PHE A 55 -0.11 18.26 -6.56
N ALA A 56 0.65 19.34 -6.70
CA ALA A 56 2.08 19.27 -6.98
C ALA A 56 2.85 18.29 -6.10
N ASP A 57 3.82 17.64 -6.73
CA ASP A 57 4.68 16.65 -6.11
C ASP A 57 5.49 17.25 -4.96
N ILE A 58 5.58 16.52 -3.85
CA ILE A 58 6.38 16.95 -2.71
C ILE A 58 7.31 15.77 -2.38
N PRO A 59 8.26 15.49 -3.29
CA PRO A 59 9.28 14.42 -3.25
C PRO A 59 9.94 14.16 -1.91
N ASN A 60 10.21 15.21 -1.16
CA ASN A 60 10.83 15.10 0.15
C ASN A 60 9.77 15.14 1.24
N ASP A 61 9.19 13.98 1.53
CA ASP A 61 8.15 13.90 2.54
C ASP A 61 8.30 12.65 3.40
N SER A 62 9.40 12.59 4.16
CA SER A 62 9.66 11.45 5.03
C SER A 62 8.62 11.40 6.15
N PRO A 63 8.29 10.20 6.61
CA PRO A 63 7.31 10.02 7.70
C PRO A 63 7.64 10.86 8.92
N PHE A 64 6.58 11.27 9.62
CA PHE A 64 6.71 12.02 10.86
C PHE A 64 6.38 10.91 11.84
N GLN A 65 7.41 10.37 12.46
CA GLN A 65 7.23 9.25 13.38
C GLN A 65 6.60 8.12 12.58
N ILE A 66 5.31 7.89 12.80
CA ILE A 66 4.55 6.84 12.14
C ILE A 66 3.73 7.38 10.96
N VAL A 67 3.38 8.66 11.02
CA VAL A 67 2.57 9.33 10.00
C VAL A 67 3.25 9.41 8.63
N LYS A 68 2.58 8.90 7.60
CA LYS A 68 3.13 8.92 6.25
C LYS A 68 2.65 10.07 5.37
N ASN A 69 3.57 10.57 4.55
CA ASN A 69 3.33 11.66 3.60
C ASN A 69 2.60 12.84 4.23
N PRO A 70 3.02 13.25 5.44
CA PRO A 70 2.37 14.37 6.14
C PRO A 70 2.35 15.70 5.40
N ARG A 71 3.41 16.00 4.66
CA ARG A 71 3.52 17.25 3.92
C ARG A 71 2.65 17.33 2.68
N SER A 72 2.61 16.26 1.90
CA SER A 72 1.81 16.26 0.68
C SER A 72 0.34 16.25 1.08
N VAL A 73 0.04 15.57 2.19
CA VAL A 73 -1.32 15.51 2.69
C VAL A 73 -1.70 16.88 3.24
N GLY A 74 -0.84 17.41 4.12
CA GLY A 74 -1.10 18.71 4.70
C GLY A 74 -1.26 19.79 3.65
N LYS A 75 -0.51 19.64 2.56
CA LYS A 75 -0.54 20.59 1.47
C LYS A 75 -1.82 20.45 0.64
N ALA A 76 -2.17 19.21 0.33
CA ALA A 76 -3.36 18.92 -0.47
C ALA A 76 -4.63 19.43 0.24
N SER A 77 -4.66 19.31 1.56
CA SER A 77 -5.81 19.77 2.34
C SER A 77 -5.83 21.28 2.44
N GLU A 78 -4.66 21.89 2.53
CA GLU A 78 -4.57 23.34 2.62
C GLU A 78 -5.07 23.97 1.33
N GLN A 79 -4.65 23.41 0.20
CA GLN A 79 -5.05 23.91 -1.12
C GLN A 79 -6.55 23.78 -1.32
N LEU A 80 -7.11 22.66 -0.89
CA LEU A 80 -8.54 22.40 -1.03
C LEU A 80 -9.37 23.35 -0.15
N ALA A 81 -8.89 23.60 1.06
CA ALA A 81 -9.59 24.49 1.99
C ALA A 81 -9.85 25.85 1.35
N GLY A 82 -8.83 26.39 0.69
CA GLY A 82 -8.98 27.68 0.04
C GLY A 82 -9.96 27.63 -1.11
N LYS A 83 -9.96 26.52 -1.85
CA LYS A 83 -10.83 26.33 -2.99
C LYS A 83 -12.29 26.19 -2.58
N VAL A 84 -12.52 25.48 -1.49
CA VAL A 84 -13.87 25.27 -0.97
C VAL A 84 -14.41 26.62 -0.44
N ALA A 85 -13.54 27.36 0.25
CA ALA A 85 -13.93 28.66 0.81
C ALA A 85 -14.33 29.56 -0.35
N GLU A 86 -13.63 29.43 -1.47
CA GLU A 86 -13.92 30.23 -2.64
C GLU A 86 -15.31 29.94 -3.18
N VAL A 87 -15.57 28.66 -3.50
CA VAL A 87 -16.88 28.27 -4.02
C VAL A 87 -18.00 28.61 -3.02
N LYS A 88 -17.71 28.57 -1.73
CA LYS A 88 -18.73 28.93 -0.75
C LYS A 88 -18.97 30.42 -0.79
N LYS A 89 -17.91 31.21 -0.90
CA LYS A 89 -18.04 32.65 -0.96
C LYS A 89 -18.79 33.00 -2.25
N ASN A 90 -18.87 32.04 -3.16
CA ASN A 90 -19.56 32.23 -4.42
C ASN A 90 -21.03 31.80 -4.28
N GLY A 91 -21.41 31.48 -3.05
CA GLY A 91 -22.78 31.06 -2.78
C GLY A 91 -23.13 29.76 -3.46
N ARG A 92 -22.24 28.79 -3.37
CA ARG A 92 -22.46 27.51 -4.00
C ARG A 92 -22.14 26.34 -3.08
N ILE A 93 -22.93 25.26 -3.22
CA ILE A 93 -22.73 24.04 -2.43
C ILE A 93 -21.48 23.35 -2.99
N SER A 94 -20.42 23.29 -2.19
CA SER A 94 -19.19 22.65 -2.63
C SER A 94 -19.33 21.14 -2.72
N LEU A 95 -18.99 20.58 -3.88
CA LEU A 95 -19.06 19.15 -4.12
C LEU A 95 -17.63 18.69 -4.42
N VAL A 96 -16.94 18.14 -3.42
CA VAL A 96 -15.57 17.69 -3.60
C VAL A 96 -15.46 16.21 -3.93
N LEU A 97 -14.92 15.92 -5.11
CA LEU A 97 -14.75 14.54 -5.55
C LEU A 97 -13.33 14.10 -5.22
N GLY A 98 -13.19 13.10 -4.36
CA GLY A 98 -11.88 12.61 -3.99
C GLY A 98 -11.46 11.45 -4.88
N GLY A 99 -10.29 10.87 -4.64
CA GLY A 99 -9.42 11.32 -3.56
C GLY A 99 -9.71 10.58 -2.26
N ASP A 100 -8.66 10.32 -1.49
CA ASP A 100 -8.81 9.63 -0.21
C ASP A 100 -9.43 10.59 0.81
N HIS A 101 -9.89 10.04 1.93
CA HIS A 101 -10.54 10.84 2.98
C HIS A 101 -9.71 11.82 3.80
N SER A 102 -8.40 11.85 3.59
CA SER A 102 -7.59 12.80 4.36
C SER A 102 -7.98 14.23 3.95
N LEU A 103 -8.48 14.36 2.72
CA LEU A 103 -8.89 15.65 2.18
C LEU A 103 -10.02 16.32 2.97
N ALA A 104 -10.80 15.53 3.70
CA ALA A 104 -11.89 16.08 4.49
C ALA A 104 -11.36 17.20 5.39
N ILE A 105 -10.10 17.09 5.79
CA ILE A 105 -9.50 18.10 6.63
C ILE A 105 -9.57 19.49 5.97
N GLY A 106 -9.26 19.56 4.68
CA GLY A 106 -9.30 20.85 3.99
C GLY A 106 -10.70 21.28 3.58
N SER A 107 -11.52 20.29 3.24
CA SER A 107 -12.88 20.54 2.80
C SER A 107 -13.68 21.16 3.93
N ILE A 108 -13.66 20.50 5.08
CA ILE A 108 -14.39 20.96 6.25
C ILE A 108 -13.81 22.27 6.80
N SER A 109 -12.49 22.39 6.79
CA SER A 109 -11.85 23.60 7.28
C SER A 109 -12.26 24.79 6.42
N GLY A 110 -12.14 24.63 5.11
CA GLY A 110 -12.52 25.69 4.19
C GLY A 110 -13.98 26.07 4.28
N HIS A 111 -14.81 25.08 4.57
CA HIS A 111 -16.26 25.28 4.71
C HIS A 111 -16.51 26.10 5.98
N ALA A 112 -15.83 25.73 7.06
CA ALA A 112 -15.97 26.40 8.36
C ALA A 112 -15.51 27.85 8.37
N ARG A 113 -14.81 28.26 7.31
CA ARG A 113 -14.31 29.63 7.21
C ARG A 113 -15.43 30.60 6.82
N VAL A 114 -16.26 30.17 5.87
CA VAL A 114 -17.38 30.99 5.41
C VAL A 114 -18.62 30.67 6.25
N HIS A 115 -18.64 29.47 6.82
CA HIS A 115 -19.77 29.03 7.65
C HIS A 115 -19.29 28.30 8.91
N PRO A 116 -18.68 29.05 9.85
CA PRO A 116 -18.16 28.50 11.11
C PRO A 116 -19.17 27.74 11.98
N ASP A 117 -20.45 27.85 11.67
CA ASP A 117 -21.46 27.18 12.47
C ASP A 117 -21.97 25.89 11.85
N LEU A 118 -21.29 25.42 10.80
CA LEU A 118 -21.71 24.20 10.12
C LEU A 118 -21.85 22.97 11.03
N GLY A 119 -22.61 22.00 10.54
CA GLY A 119 -22.83 20.75 11.24
C GLY A 119 -22.34 19.67 10.31
N VAL A 120 -21.69 18.64 10.85
CA VAL A 120 -21.14 17.58 10.01
C VAL A 120 -21.77 16.21 10.19
N ILE A 121 -22.06 15.57 9.06
CA ILE A 121 -22.61 14.22 9.06
C ILE A 121 -21.57 13.39 8.32
N TRP A 122 -21.01 12.40 9.03
CA TRP A 122 -19.94 11.54 8.52
C TRP A 122 -20.38 10.09 8.27
N VAL A 123 -20.64 9.76 7.00
CA VAL A 123 -21.04 8.41 6.61
C VAL A 123 -19.77 7.67 6.24
N ASP A 124 -19.49 6.58 6.96
CA ASP A 124 -18.25 5.83 6.77
C ASP A 124 -18.36 4.52 7.54
N ALA A 125 -17.47 3.59 7.25
CA ALA A 125 -17.44 2.31 7.95
C ALA A 125 -16.50 2.54 9.14
N HIS A 126 -15.74 3.62 9.06
CA HIS A 126 -14.78 3.98 10.10
C HIS A 126 -15.07 5.37 10.64
N THR A 127 -14.46 5.70 11.77
CA THR A 127 -14.64 7.01 12.38
C THR A 127 -13.56 7.98 11.93
N ASP A 128 -12.47 7.46 11.39
CA ASP A 128 -11.33 8.26 10.92
C ASP A 128 -10.96 9.34 11.91
N ILE A 129 -10.84 8.96 13.18
CA ILE A 129 -10.52 9.90 14.23
C ILE A 129 -9.23 9.56 15.00
N ASN A 130 -8.38 8.73 14.42
CA ASN A 130 -7.13 8.39 15.06
C ASN A 130 -6.26 9.65 15.10
N THR A 131 -5.40 9.75 16.10
CA THR A 131 -4.51 10.91 16.22
C THR A 131 -3.16 10.47 15.70
N PRO A 132 -2.26 11.44 15.43
CA PRO A 132 -0.94 11.04 14.95
C PRO A 132 -0.28 10.14 15.96
N LEU A 133 -0.86 10.09 17.16
CA LEU A 133 -0.33 9.29 18.25
C LEU A 133 -1.06 7.99 18.53
N THR A 134 -2.33 7.90 18.15
CA THR A 134 -3.07 6.67 18.40
C THR A 134 -3.12 5.76 17.17
N THR A 135 -2.91 6.33 15.99
CA THR A 135 -2.95 5.54 14.77
C THR A 135 -1.85 4.47 14.78
N THR A 136 -2.17 3.29 14.25
CA THR A 136 -1.19 2.21 14.18
C THR A 136 -0.75 2.06 12.72
N SER A 137 -1.60 2.48 11.79
CA SER A 137 -1.31 2.36 10.36
C SER A 137 -0.45 3.51 9.82
N GLY A 138 -0.64 4.70 10.36
CA GLY A 138 0.12 5.86 9.89
C GLY A 138 -0.52 6.53 8.69
N ASN A 139 -1.61 5.95 8.20
CA ASN A 139 -2.32 6.49 7.04
C ASN A 139 -3.23 7.63 7.47
N LEU A 140 -2.97 8.82 6.94
CA LEU A 140 -3.75 10.00 7.28
C LEU A 140 -5.24 9.98 6.87
N HIS A 141 -5.66 9.05 6.03
CA HIS A 141 -7.07 9.03 5.65
C HIS A 141 -7.89 8.39 6.77
N GLY A 142 -7.22 8.11 7.90
CA GLY A 142 -7.88 7.50 9.04
C GLY A 142 -7.69 8.38 10.26
N GLN A 143 -7.36 9.64 10.01
CA GLN A 143 -7.15 10.62 11.08
C GLN A 143 -7.78 12.00 10.79
N PRO A 144 -8.37 12.21 9.59
CA PRO A 144 -8.94 13.53 9.31
C PRO A 144 -9.74 14.20 10.42
N VAL A 145 -10.57 13.43 11.12
CA VAL A 145 -11.41 13.99 12.18
C VAL A 145 -10.64 14.54 13.39
N SER A 146 -9.54 13.89 13.73
CA SER A 146 -8.75 14.33 14.89
C SER A 146 -8.16 15.74 14.75
N PHE A 147 -7.95 16.18 13.51
CA PHE A 147 -7.38 17.50 13.27
C PHE A 147 -8.41 18.64 13.35
N LEU A 148 -9.68 18.28 13.21
CA LEU A 148 -10.76 19.28 13.21
C LEU A 148 -11.44 19.55 14.54
N LEU A 149 -11.40 18.59 15.46
CA LEU A 149 -12.04 18.75 16.76
C LEU A 149 -11.22 19.62 17.69
N LYS A 150 -11.88 20.61 18.27
CA LYS A 150 -11.24 21.54 19.19
C LYS A 150 -10.85 20.85 20.50
N GLU A 151 -11.70 19.94 20.97
CA GLU A 151 -11.45 19.22 22.22
C GLU A 151 -10.18 18.36 22.15
N LEU A 152 -9.70 18.13 20.93
CA LEU A 152 -8.50 17.33 20.74
C LEU A 152 -7.34 18.26 20.40
N LYS A 153 -7.55 19.56 20.65
CA LYS A 153 -6.52 20.56 20.42
C LYS A 153 -5.55 20.41 21.60
N GLY A 154 -4.46 19.68 21.37
CA GLY A 154 -3.50 19.45 22.43
C GLY A 154 -2.99 18.02 22.36
N LYS A 155 -3.73 17.15 21.67
CA LYS A 155 -3.33 15.75 21.51
C LYS A 155 -2.87 15.54 20.07
N ILE A 156 -2.81 16.64 19.33
CA ILE A 156 -2.37 16.61 17.94
C ILE A 156 -1.00 17.26 17.90
N PRO A 157 0.07 16.47 17.65
CA PRO A 157 1.43 17.00 17.58
C PRO A 157 1.58 17.87 16.33
N ASP A 158 2.58 18.74 16.31
CA ASP A 158 2.79 19.58 15.14
C ASP A 158 3.38 18.74 14.03
N VAL A 159 2.49 18.19 13.21
CA VAL A 159 2.88 17.35 12.09
C VAL A 159 3.15 18.23 10.86
N PRO A 160 4.33 18.09 10.25
CA PRO A 160 4.68 18.90 9.08
C PRO A 160 3.57 18.92 8.03
N GLY A 161 3.12 20.13 7.70
CA GLY A 161 2.06 20.30 6.70
C GLY A 161 0.70 20.70 7.25
N PHE A 162 0.57 20.78 8.57
CA PHE A 162 -0.72 21.14 9.14
C PHE A 162 -0.67 22.32 10.12
N SER A 163 0.39 23.12 10.05
CA SER A 163 0.49 24.28 10.96
C SER A 163 -0.50 25.37 10.55
N TRP A 164 -1.23 25.12 9.48
CA TRP A 164 -2.23 26.06 8.97
C TRP A 164 -3.59 25.67 9.55
N VAL A 165 -3.66 24.44 10.07
CA VAL A 165 -4.87 23.91 10.62
C VAL A 165 -5.31 24.49 11.94
N THR A 166 -6.60 24.69 12.06
CA THR A 166 -7.23 25.22 13.26
C THR A 166 -8.49 24.38 13.48
N PRO A 167 -8.60 23.71 14.63
CA PRO A 167 -9.79 22.89 14.91
C PRO A 167 -11.01 23.75 14.66
N CYS A 168 -11.91 23.31 13.79
CA CYS A 168 -13.10 24.12 13.51
C CYS A 168 -14.45 23.58 13.94
N ILE A 169 -14.48 22.40 14.56
CA ILE A 169 -15.76 21.85 15.00
C ILE A 169 -15.70 21.23 16.38
N SER A 170 -16.84 21.25 17.08
CA SER A 170 -16.92 20.67 18.41
C SER A 170 -17.32 19.21 18.31
N ALA A 171 -17.13 18.49 19.41
CA ALA A 171 -17.47 17.08 19.48
C ALA A 171 -18.98 16.88 19.27
N LYS A 172 -19.76 17.92 19.51
CA LYS A 172 -21.21 17.81 19.34
C LYS A 172 -21.76 18.38 18.03
N ASP A 173 -20.89 18.80 17.12
CA ASP A 173 -21.33 19.34 15.84
C ASP A 173 -21.28 18.27 14.76
N ILE A 174 -20.98 17.05 15.16
CA ILE A 174 -20.86 15.93 14.20
C ILE A 174 -21.57 14.64 14.61
N VAL A 175 -22.12 13.94 13.60
CA VAL A 175 -22.82 12.67 13.79
C VAL A 175 -22.30 11.63 12.80
N TYR A 176 -21.81 10.49 13.30
CA TYR A 176 -21.32 9.41 12.46
C TYR A 176 -22.48 8.47 12.16
N ILE A 177 -22.48 7.90 10.96
CA ILE A 177 -23.51 6.93 10.58
C ILE A 177 -22.88 5.81 9.75
N GLY A 178 -23.07 4.56 10.20
CA GLY A 178 -22.58 3.41 9.46
C GLY A 178 -21.35 2.69 9.98
N LEU A 179 -20.85 3.12 11.15
CA LEU A 179 -19.64 2.53 11.73
C LEU A 179 -19.68 1.03 11.94
N ARG A 180 -18.57 0.37 11.60
CA ARG A 180 -18.46 -1.07 11.80
C ARG A 180 -17.03 -1.60 11.94
N ASP A 181 -16.04 -0.70 11.95
CA ASP A 181 -14.63 -1.08 12.14
C ASP A 181 -13.89 0.11 12.76
N VAL A 182 -14.08 0.27 14.07
CA VAL A 182 -13.50 1.35 14.87
C VAL A 182 -12.36 0.85 15.75
N ASP A 183 -11.19 1.48 15.64
CA ASP A 183 -10.05 1.09 16.46
C ASP A 183 -10.34 1.30 17.95
N PRO A 184 -9.47 0.77 18.84
CA PRO A 184 -9.66 0.92 20.29
C PRO A 184 -9.52 2.36 20.74
N GLY A 185 -8.45 3.03 20.29
CA GLY A 185 -8.23 4.42 20.66
C GLY A 185 -9.34 5.31 20.15
N GLU A 186 -9.88 4.97 18.99
CA GLU A 186 -10.98 5.73 18.38
C GLU A 186 -12.26 5.58 19.22
N HIS A 187 -12.54 4.36 19.65
CA HIS A 187 -13.73 4.09 20.45
C HIS A 187 -13.61 4.87 21.76
N TYR A 188 -12.40 4.88 22.33
CA TYR A 188 -12.13 5.60 23.58
C TYR A 188 -12.45 7.08 23.42
N ILE A 189 -12.00 7.66 22.31
CA ILE A 189 -12.24 9.07 22.01
C ILE A 189 -13.73 9.35 21.83
N LEU A 190 -14.43 8.41 21.19
CA LEU A 190 -15.87 8.56 20.97
C LEU A 190 -16.63 8.68 22.27
N LYS A 191 -16.36 7.78 23.20
CA LYS A 191 -17.03 7.77 24.48
C LYS A 191 -16.56 8.89 25.39
N THR A 192 -15.31 9.30 25.21
CA THR A 192 -14.73 10.36 26.03
C THR A 192 -15.24 11.77 25.67
N LEU A 193 -15.33 12.07 24.38
CA LEU A 193 -15.81 13.37 23.95
C LEU A 193 -17.32 13.37 23.77
N GLY A 194 -17.95 12.22 24.04
CA GLY A 194 -19.39 12.11 23.90
C GLY A 194 -19.91 12.32 22.49
N ILE A 195 -19.17 11.83 21.50
CA ILE A 195 -19.57 11.97 20.09
C ILE A 195 -20.81 11.14 19.73
N LYS A 196 -21.76 11.76 19.03
CA LYS A 196 -22.99 11.07 18.62
C LYS A 196 -22.69 10.19 17.42
N TYR A 197 -23.06 8.91 17.50
CA TYR A 197 -22.82 8.00 16.40
C TYR A 197 -23.91 6.94 16.29
N PHE A 198 -24.06 6.41 15.08
CA PHE A 198 -25.02 5.35 14.82
C PHE A 198 -24.22 4.32 14.07
N SER A 199 -23.71 3.34 14.80
CA SER A 199 -22.94 2.29 14.17
C SER A 199 -23.97 1.41 13.45
N MET A 200 -23.51 0.33 12.82
CA MET A 200 -24.42 -0.55 12.12
C MET A 200 -25.37 -1.25 13.09
N THR A 201 -24.99 -1.29 14.36
CA THR A 201 -25.82 -1.90 15.39
C THR A 201 -27.05 -1.03 15.66
N GLU A 202 -26.88 0.29 15.67
CA GLU A 202 -27.99 1.20 15.90
C GLU A 202 -28.89 1.32 14.68
N VAL A 203 -28.31 1.16 13.48
CA VAL A 203 -29.10 1.21 12.26
C VAL A 203 -30.01 0.00 12.24
N ASP A 204 -29.46 -1.16 12.61
CA ASP A 204 -30.22 -2.40 12.62
C ASP A 204 -31.35 -2.30 13.65
N ARG A 205 -31.04 -1.69 14.79
CA ARG A 205 -32.00 -1.52 15.88
C ARG A 205 -33.16 -0.59 15.60
N LEU A 206 -32.85 0.65 15.24
CA LEU A 206 -33.86 1.68 15.00
C LEU A 206 -34.45 1.71 13.59
N GLY A 207 -33.64 1.34 12.60
CA GLY A 207 -34.10 1.40 11.23
C GLY A 207 -33.47 2.68 10.72
N ILE A 208 -33.17 2.72 9.43
CA ILE A 208 -32.54 3.89 8.83
C ILE A 208 -33.37 5.18 8.95
N GLY A 209 -34.69 5.04 9.03
CA GLY A 209 -35.55 6.21 9.15
C GLY A 209 -35.37 6.96 10.47
N LYS A 210 -35.47 6.21 11.57
CA LYS A 210 -35.33 6.78 12.90
C LYS A 210 -33.92 7.34 13.05
N VAL A 211 -32.95 6.62 12.50
CA VAL A 211 -31.55 7.05 12.55
C VAL A 211 -31.37 8.46 12.02
N MET A 212 -31.86 8.71 10.81
CA MET A 212 -31.78 10.02 10.19
C MET A 212 -32.58 11.02 11.01
N GLU A 213 -33.78 10.62 11.42
CA GLU A 213 -34.63 11.50 12.20
C GLU A 213 -33.86 12.02 13.41
N GLU A 214 -33.20 11.13 14.13
CA GLU A 214 -32.42 11.51 15.30
C GLU A 214 -31.22 12.37 14.92
N THR A 215 -30.56 12.00 13.81
CA THR A 215 -29.40 12.74 13.33
C THR A 215 -29.73 14.21 13.01
N LEU A 216 -30.69 14.42 12.11
CA LEU A 216 -31.09 15.76 11.70
C LEU A 216 -31.61 16.58 12.88
N SER A 217 -32.33 15.90 13.77
CA SER A 217 -32.89 16.52 14.96
C SER A 217 -31.77 16.91 15.93
N TYR A 218 -30.75 16.05 16.00
CA TYR A 218 -29.61 16.27 16.87
C TYR A 218 -28.77 17.47 16.41
N LEU A 219 -28.51 17.54 15.11
CA LEU A 219 -27.72 18.63 14.54
C LEU A 219 -28.51 19.90 14.25
N LEU A 220 -29.82 19.78 14.05
CA LEU A 220 -30.65 20.95 13.75
C LEU A 220 -31.63 21.27 14.87
N GLY A 221 -31.60 20.49 15.94
CA GLY A 221 -32.49 20.70 17.06
C GLY A 221 -32.50 22.11 17.61
N ARG A 222 -31.37 22.53 18.18
CA ARG A 222 -31.27 23.86 18.74
C ARG A 222 -31.54 24.98 17.72
N LYS A 223 -31.00 24.83 16.51
CA LYS A 223 -31.22 25.82 15.46
C LYS A 223 -30.65 25.38 14.13
N LYS A 224 -31.25 25.86 13.04
CA LYS A 224 -30.82 25.52 11.69
C LYS A 224 -29.42 26.04 11.36
N ARG A 225 -28.56 25.15 10.87
CA ARG A 225 -27.18 25.47 10.52
C ARG A 225 -26.80 24.79 9.21
N PRO A 226 -25.81 25.33 8.49
CA PRO A 226 -25.40 24.72 7.23
C PRO A 226 -24.92 23.29 7.49
N ILE A 227 -25.15 22.38 6.55
CA ILE A 227 -24.72 21.01 6.75
C ILE A 227 -23.61 20.57 5.82
N HIS A 228 -22.68 19.81 6.38
CA HIS A 228 -21.57 19.26 5.63
C HIS A 228 -21.66 17.73 5.69
N LEU A 229 -21.79 17.11 4.54
CA LEU A 229 -21.88 15.67 4.44
C LEU A 229 -20.61 15.09 3.83
N SER A 230 -19.83 14.38 4.65
CA SER A 230 -18.61 13.76 4.18
C SER A 230 -18.97 12.28 3.95
N PHE A 231 -19.19 11.90 2.70
CA PHE A 231 -19.57 10.53 2.37
C PHE A 231 -18.40 9.68 1.87
N ASP A 232 -18.03 8.67 2.66
CA ASP A 232 -16.96 7.75 2.28
C ASP A 232 -17.75 6.63 1.63
N VAL A 233 -17.37 6.24 0.42
CA VAL A 233 -18.12 5.18 -0.25
C VAL A 233 -18.02 3.81 0.43
N ASP A 234 -16.98 3.60 1.23
CA ASP A 234 -16.85 2.32 1.91
C ASP A 234 -17.85 2.25 3.07
N GLY A 235 -18.64 3.31 3.18
CA GLY A 235 -19.67 3.36 4.21
C GLY A 235 -20.76 2.39 3.81
N LEU A 236 -21.04 2.30 2.51
CA LEU A 236 -22.04 1.38 2.01
C LEU A 236 -21.40 -0.01 1.94
N ASP A 237 -22.22 -1.05 1.94
CA ASP A 237 -21.71 -2.42 1.89
C ASP A 237 -20.90 -2.62 0.63
N PRO A 238 -19.81 -3.40 0.71
CA PRO A 238 -18.97 -3.64 -0.47
C PRO A 238 -19.65 -4.35 -1.65
N SER A 239 -20.90 -4.75 -1.48
CA SER A 239 -21.64 -5.39 -2.56
C SER A 239 -22.16 -4.30 -3.48
N PHE A 240 -22.04 -3.05 -3.04
CA PHE A 240 -22.48 -1.90 -3.81
C PHE A 240 -21.31 -1.02 -4.26
N THR A 241 -20.32 -0.87 -3.38
CA THR A 241 -19.14 -0.06 -3.67
C THR A 241 -17.87 -0.86 -3.35
N PRO A 242 -17.57 -1.88 -4.18
CA PRO A 242 -16.37 -2.70 -3.95
C PRO A 242 -15.04 -2.03 -4.26
N ALA A 243 -15.03 -1.17 -5.28
CA ALA A 243 -13.81 -0.48 -5.68
C ALA A 243 -13.42 0.65 -4.72
N THR A 244 -13.03 0.25 -3.51
CA THR A 244 -12.62 1.21 -2.50
C THR A 244 -11.52 0.54 -1.67
N GLY A 245 -10.63 1.33 -1.08
CA GLY A 245 -9.52 0.80 -0.32
C GLY A 245 -9.72 -0.01 0.95
N THR A 246 -10.64 0.41 1.80
CA THR A 246 -10.86 -0.28 3.06
C THR A 246 -12.30 -0.74 3.25
N PRO A 247 -12.74 -1.72 2.43
CA PRO A 247 -14.10 -2.24 2.51
C PRO A 247 -14.37 -3.12 3.73
N VAL A 248 -15.60 -3.07 4.23
CA VAL A 248 -16.01 -3.86 5.39
C VAL A 248 -17.43 -4.40 5.14
N VAL A 249 -17.59 -5.72 5.22
CA VAL A 249 -18.90 -6.32 5.00
C VAL A 249 -19.90 -5.83 6.04
N GLY A 250 -21.19 -6.03 5.77
CA GLY A 250 -22.23 -5.60 6.68
C GLY A 250 -22.42 -4.10 6.67
N GLY A 251 -22.34 -3.51 5.48
CA GLY A 251 -22.49 -2.07 5.36
C GLY A 251 -23.90 -1.61 5.09
N LEU A 252 -24.04 -0.31 4.90
CA LEU A 252 -25.32 0.30 4.59
C LEU A 252 -25.74 -0.13 3.19
N THR A 253 -27.02 -0.43 3.00
CA THR A 253 -27.48 -0.85 1.69
C THR A 253 -27.55 0.34 0.74
N TYR A 254 -27.78 0.03 -0.52
CA TYR A 254 -27.91 1.04 -1.56
C TYR A 254 -29.05 1.96 -1.13
N ARG A 255 -30.18 1.33 -0.73
CA ARG A 255 -31.37 2.04 -0.30
C ARG A 255 -31.10 2.97 0.87
N GLU A 256 -30.46 2.46 1.91
CA GLU A 256 -30.15 3.30 3.07
C GLU A 256 -29.22 4.43 2.61
N GLY A 257 -28.36 4.13 1.64
CA GLY A 257 -27.44 5.14 1.13
C GLY A 257 -28.24 6.29 0.55
N LEU A 258 -29.23 5.97 -0.28
CA LEU A 258 -30.07 6.98 -0.90
C LEU A 258 -31.04 7.65 0.09
N TYR A 259 -31.52 6.90 1.07
CA TYR A 259 -32.46 7.46 2.05
C TYR A 259 -31.80 8.57 2.87
N ILE A 260 -30.52 8.37 3.20
CA ILE A 260 -29.76 9.33 3.97
C ILE A 260 -29.65 10.66 3.22
N THR A 261 -29.28 10.57 1.95
CA THR A 261 -29.12 11.73 1.11
C THR A 261 -30.42 12.42 0.71
N GLU A 262 -31.46 11.62 0.47
CA GLU A 262 -32.76 12.18 0.10
C GLU A 262 -33.25 12.99 1.29
N GLU A 263 -33.03 12.49 2.49
CA GLU A 263 -33.44 13.19 3.69
C GLU A 263 -32.64 14.46 3.90
N ILE A 264 -31.33 14.37 3.73
CA ILE A 264 -30.49 15.55 3.91
C ILE A 264 -30.91 16.61 2.91
N TYR A 265 -31.07 16.19 1.65
CA TYR A 265 -31.49 17.11 0.61
C TYR A 265 -32.72 17.89 1.05
N LYS A 266 -33.74 17.17 1.51
CA LYS A 266 -34.97 17.80 1.94
C LYS A 266 -34.82 18.80 3.07
N THR A 267 -33.71 18.75 3.81
CA THR A 267 -33.50 19.71 4.90
C THR A 267 -33.29 21.08 4.24
N GLY A 268 -32.64 21.07 3.08
CA GLY A 268 -32.38 22.30 2.36
C GLY A 268 -31.18 23.04 2.92
N LEU A 269 -30.52 22.43 3.89
CA LEU A 269 -29.36 23.02 4.51
C LEU A 269 -28.01 22.45 4.04
N LEU A 270 -28.03 21.57 3.04
CA LEU A 270 -26.77 21.01 2.53
C LEU A 270 -25.91 22.14 1.94
N SER A 271 -24.69 22.31 2.44
CA SER A 271 -23.82 23.35 1.92
C SER A 271 -22.46 22.81 1.49
N GLY A 272 -22.10 21.64 1.99
CA GLY A 272 -20.83 21.02 1.63
C GLY A 272 -20.99 19.51 1.48
N LEU A 273 -20.43 18.95 0.42
CA LEU A 273 -20.53 17.51 0.18
C LEU A 273 -19.20 16.88 -0.25
N ASP A 274 -18.89 15.72 0.34
CA ASP A 274 -17.66 14.98 0.02
C ASP A 274 -17.97 13.57 -0.47
N ILE A 275 -17.45 13.20 -1.64
CA ILE A 275 -17.63 11.85 -2.18
C ILE A 275 -16.22 11.27 -2.23
N MET A 276 -15.87 10.48 -1.22
CA MET A 276 -14.54 9.93 -1.06
C MET A 276 -14.32 8.44 -1.15
N GLU A 277 -13.05 8.10 -1.35
CA GLU A 277 -12.54 6.73 -1.42
C GLU A 277 -12.90 5.84 -2.60
N VAL A 278 -13.40 6.43 -3.68
CA VAL A 278 -13.72 5.63 -4.85
C VAL A 278 -12.38 5.31 -5.53
N ASN A 279 -11.99 4.03 -5.52
CA ASN A 279 -10.72 3.60 -6.12
C ASN A 279 -10.95 2.54 -7.22
N PRO A 280 -11.07 2.98 -8.49
CA PRO A 280 -11.30 2.12 -9.65
C PRO A 280 -10.27 1.00 -9.85
N SER A 281 -9.04 1.23 -9.41
CA SER A 281 -7.97 0.26 -9.54
C SER A 281 -8.24 -0.96 -8.67
N LEU A 282 -9.10 -0.80 -7.67
CA LEU A 282 -9.42 -1.89 -6.77
C LEU A 282 -10.60 -2.76 -7.20
N GLY A 283 -11.24 -2.39 -8.31
CA GLY A 283 -12.33 -3.20 -8.79
C GLY A 283 -11.75 -4.52 -9.26
N LYS A 284 -12.41 -5.62 -8.90
CA LYS A 284 -11.95 -6.95 -9.29
C LYS A 284 -12.36 -7.23 -10.74
N THR A 285 -13.33 -6.47 -11.23
CA THR A 285 -13.83 -6.58 -12.59
C THR A 285 -14.30 -5.20 -13.04
N PRO A 286 -14.48 -5.01 -14.35
CA PRO A 286 -14.93 -3.70 -14.84
C PRO A 286 -16.32 -3.35 -14.32
N GLU A 287 -17.09 -4.39 -13.96
CA GLU A 287 -18.44 -4.23 -13.45
C GLU A 287 -18.43 -3.72 -12.01
N GLU A 288 -17.50 -4.23 -11.21
CA GLU A 288 -17.41 -3.78 -9.83
C GLU A 288 -17.02 -2.31 -9.88
N VAL A 289 -16.29 -1.94 -10.92
CA VAL A 289 -15.85 -0.57 -11.11
C VAL A 289 -17.02 0.33 -11.46
N THR A 290 -17.84 -0.07 -12.43
CA THR A 290 -19.00 0.74 -12.80
C THR A 290 -20.04 0.67 -11.70
N ARG A 291 -20.14 -0.48 -11.04
CA ARG A 291 -21.09 -0.64 -9.96
C ARG A 291 -20.77 0.32 -8.82
N THR A 292 -19.48 0.56 -8.58
CA THR A 292 -19.03 1.47 -7.53
C THR A 292 -19.30 2.92 -7.92
N VAL A 293 -18.88 3.28 -9.13
CA VAL A 293 -19.10 4.62 -9.65
C VAL A 293 -20.58 4.91 -9.90
N ASN A 294 -21.32 3.91 -10.37
CA ASN A 294 -22.74 4.12 -10.60
C ASN A 294 -23.38 4.48 -9.27
N THR A 295 -23.04 3.73 -8.24
CA THR A 295 -23.58 3.96 -6.91
C THR A 295 -23.13 5.30 -6.34
N ALA A 296 -21.85 5.64 -6.52
CA ALA A 296 -21.32 6.90 -6.03
C ALA A 296 -22.03 8.09 -6.71
N VAL A 297 -22.44 7.91 -7.96
CA VAL A 297 -23.15 8.97 -8.67
C VAL A 297 -24.59 9.09 -8.16
N ALA A 298 -25.24 7.94 -7.97
CA ALA A 298 -26.62 7.88 -7.48
C ALA A 298 -26.78 8.63 -6.17
N ILE A 299 -25.84 8.41 -5.24
CA ILE A 299 -25.89 9.08 -3.93
C ILE A 299 -25.66 10.59 -4.09
N THR A 300 -24.86 10.98 -5.08
CA THR A 300 -24.59 12.40 -5.31
C THR A 300 -25.84 13.13 -5.85
N LEU A 301 -26.49 12.54 -6.84
CA LEU A 301 -27.69 13.13 -7.43
C LEU A 301 -28.82 13.25 -6.40
N ALA A 302 -28.85 12.33 -5.45
CA ALA A 302 -29.88 12.37 -4.40
C ALA A 302 -29.67 13.64 -3.56
N CYS A 303 -28.40 13.93 -3.24
CA CYS A 303 -28.05 15.09 -2.44
C CYS A 303 -28.61 16.37 -3.03
N PHE A 304 -28.74 16.40 -4.35
CA PHE A 304 -29.24 17.58 -5.04
C PHE A 304 -30.64 17.50 -5.64
N GLY A 305 -31.50 16.66 -5.09
CA GLY A 305 -32.86 16.61 -5.59
C GLY A 305 -33.45 15.33 -6.16
N LEU A 306 -32.63 14.49 -6.80
CA LEU A 306 -33.15 13.27 -7.39
C LEU A 306 -33.87 12.40 -6.35
N ALA A 307 -35.19 12.32 -6.47
CA ALA A 307 -36.02 11.54 -5.55
C ALA A 307 -36.52 10.24 -6.17
N ARG A 308 -36.57 9.18 -5.39
CA ARG A 308 -37.03 7.90 -5.90
C ARG A 308 -38.52 7.83 -6.19
N GLU A 309 -39.30 8.76 -5.63
CA GLU A 309 -40.74 8.77 -5.88
C GLU A 309 -41.05 9.56 -7.16
N GLY A 310 -40.01 10.16 -7.72
CA GLY A 310 -40.19 10.94 -8.93
C GLY A 310 -39.95 12.42 -8.70
N ASN A 311 -39.86 13.16 -9.81
CA ASN A 311 -39.64 14.60 -9.78
C ASN A 311 -40.41 15.19 -10.96
N HIS A 312 -40.77 16.46 -10.88
CA HIS A 312 -41.45 17.12 -12.00
C HIS A 312 -41.34 18.63 -11.85
N LYS A 313 -41.31 19.32 -12.99
CA LYS A 313 -41.19 20.77 -13.02
C LYS A 313 -42.52 21.45 -12.70
N PRO A 314 -42.47 22.65 -12.10
CA PRO A 314 -43.70 23.38 -11.74
C PRO A 314 -44.52 23.79 -12.98
N ILE A 315 -45.09 22.79 -13.64
CA ILE A 315 -45.90 22.98 -14.84
C ILE A 315 -47.03 21.95 -14.86
N ASP A 316 -47.95 22.11 -15.81
CA ASP A 316 -49.07 21.20 -15.93
C ASP A 316 -48.81 20.19 -17.05
N TYR A 317 -48.45 18.97 -16.67
CA TYR A 317 -48.15 17.90 -17.61
C TYR A 317 -49.35 17.30 -18.35
N LEU A 318 -50.56 17.63 -17.92
CA LEU A 318 -51.76 17.09 -18.55
C LEU A 318 -52.43 18.01 -19.59
N ARG B 6 23.53 -17.66 17.12
CA ARG B 6 23.35 -17.47 15.65
C ARG B 6 23.81 -18.68 14.85
N THR B 7 22.84 -19.39 14.26
CA THR B 7 23.14 -20.58 13.45
C THR B 7 22.80 -20.34 11.99
N ILE B 8 23.54 -20.97 11.09
CA ILE B 8 23.32 -20.82 9.65
C ILE B 8 23.01 -22.14 8.96
N GLY B 9 22.09 -22.08 7.99
CA GLY B 9 21.72 -23.27 7.26
C GLY B 9 21.77 -23.00 5.76
N ILE B 10 22.85 -23.40 5.12
CA ILE B 10 23.00 -23.17 3.68
C ILE B 10 22.28 -24.19 2.79
N ILE B 11 21.60 -23.67 1.77
CA ILE B 11 20.88 -24.49 0.81
C ILE B 11 21.39 -24.09 -0.57
N GLY B 12 21.98 -25.04 -1.29
CA GLY B 12 22.46 -24.75 -2.62
C GLY B 12 21.29 -24.95 -3.57
N ALA B 13 21.02 -23.96 -4.42
CA ALA B 13 19.91 -24.07 -5.35
C ALA B 13 20.36 -23.87 -6.78
N PRO B 14 21.09 -24.86 -7.33
CA PRO B 14 21.58 -24.76 -8.71
C PRO B 14 20.45 -24.89 -9.74
N PHE B 15 19.74 -23.79 -10.00
CA PHE B 15 18.63 -23.78 -10.96
C PHE B 15 18.74 -22.59 -11.93
N SER B 16 18.35 -22.80 -13.18
CA SER B 16 18.42 -21.75 -14.19
C SER B 16 17.24 -21.67 -15.13
N LYS B 17 16.31 -22.60 -15.03
CA LYS B 17 15.18 -22.61 -15.96
C LYS B 17 14.17 -21.48 -15.82
N GLY B 18 14.42 -20.56 -14.88
CA GLY B 18 13.52 -19.43 -14.73
C GLY B 18 13.90 -18.35 -15.72
N GLN B 19 14.97 -18.61 -16.48
CA GLN B 19 15.46 -17.64 -17.46
C GLN B 19 16.35 -18.30 -18.53
N PRO B 20 16.67 -17.58 -19.62
CA PRO B 20 17.49 -18.03 -20.75
C PRO B 20 18.93 -18.53 -20.53
N ARG B 21 19.80 -17.68 -20.02
CA ARG B 21 21.19 -18.08 -19.79
C ARG B 21 21.33 -19.09 -18.66
N GLY B 22 21.82 -20.29 -18.97
CA GLY B 22 21.95 -21.33 -17.97
C GLY B 22 23.16 -21.30 -17.03
N GLY B 23 24.11 -20.40 -17.29
CA GLY B 23 25.28 -20.35 -16.43
C GLY B 23 25.02 -20.01 -14.97
N VAL B 24 23.89 -19.37 -14.68
CA VAL B 24 23.54 -18.99 -13.31
C VAL B 24 23.44 -20.22 -12.41
N GLU B 25 23.41 -21.40 -13.03
CA GLU B 25 23.35 -22.66 -12.30
C GLU B 25 24.65 -22.85 -11.53
N GLU B 26 25.72 -22.21 -11.99
CA GLU B 26 27.00 -22.35 -11.32
C GLU B 26 27.18 -21.33 -10.20
N GLY B 27 26.08 -20.80 -9.71
CA GLY B 27 26.12 -19.83 -8.63
C GLY B 27 26.54 -20.45 -7.30
N PRO B 28 25.88 -21.53 -6.86
CA PRO B 28 26.21 -22.19 -5.59
C PRO B 28 27.64 -22.74 -5.55
N THR B 29 28.18 -23.05 -6.72
CA THR B 29 29.51 -23.62 -6.84
C THR B 29 30.62 -22.60 -6.68
N VAL B 30 30.63 -21.59 -7.54
CA VAL B 30 31.65 -20.56 -7.48
C VAL B 30 31.62 -19.84 -6.14
N LEU B 31 30.47 -19.84 -5.48
CA LEU B 31 30.31 -19.21 -4.17
C LEU B 31 30.94 -20.08 -3.09
N ARG B 32 30.77 -21.40 -3.21
CA ARG B 32 31.35 -22.33 -2.23
C ARG B 32 32.88 -22.36 -2.35
N LYS B 33 33.39 -22.43 -3.58
CA LYS B 33 34.83 -22.46 -3.80
C LYS B 33 35.44 -21.09 -3.52
N ALA B 34 34.61 -20.14 -3.12
CA ALA B 34 35.07 -18.79 -2.80
C ALA B 34 35.36 -18.67 -1.30
N GLY B 35 35.04 -19.72 -0.55
CA GLY B 35 35.29 -19.73 0.87
C GLY B 35 34.11 -19.29 1.73
N LEU B 36 32.94 -19.13 1.12
CA LEU B 36 31.77 -18.70 1.88
C LEU B 36 31.63 -19.49 3.17
N LEU B 37 31.77 -20.80 3.08
CA LEU B 37 31.64 -21.66 4.26
C LEU B 37 32.62 -21.36 5.38
N GLU B 38 33.91 -21.36 5.08
CA GLU B 38 34.92 -21.08 6.10
C GLU B 38 34.81 -19.66 6.63
N LYS B 39 34.51 -18.71 5.74
CA LYS B 39 34.39 -17.32 6.14
C LYS B 39 33.28 -17.10 7.16
N LEU B 40 32.17 -17.80 7.00
CA LEU B 40 31.03 -17.68 7.90
C LEU B 40 31.34 -18.27 9.27
N LYS B 41 32.10 -19.36 9.29
CA LYS B 41 32.47 -20.01 10.53
C LYS B 41 33.39 -19.11 11.34
N GLU B 42 34.21 -18.33 10.64
CA GLU B 42 35.15 -17.43 11.29
C GLU B 42 34.45 -16.35 12.11
N GLN B 43 33.14 -16.26 11.98
CA GLN B 43 32.34 -15.26 12.69
C GLN B 43 31.42 -15.95 13.70
N GLU B 44 30.41 -15.21 14.15
CA GLU B 44 29.43 -15.76 15.09
C GLU B 44 28.50 -16.60 14.22
N CYS B 45 28.95 -17.79 13.85
CA CYS B 45 28.13 -18.65 12.99
C CYS B 45 28.33 -20.15 13.19
N ASP B 46 27.21 -20.84 13.39
CA ASP B 46 27.20 -22.30 13.53
C ASP B 46 26.71 -22.78 12.17
N VAL B 47 27.61 -22.83 11.19
CA VAL B 47 27.24 -23.22 9.84
C VAL B 47 27.13 -24.71 9.56
N LYS B 48 26.05 -25.08 8.88
CA LYS B 48 25.78 -26.46 8.46
C LYS B 48 25.31 -26.41 7.02
N ASP B 49 26.06 -27.07 6.14
CA ASP B 49 25.75 -27.07 4.71
C ASP B 49 24.74 -28.16 4.35
N TYR B 50 23.52 -27.76 4.03
CA TYR B 50 22.50 -28.72 3.64
C TYR B 50 22.69 -29.19 2.20
N GLY B 51 23.87 -28.93 1.65
CA GLY B 51 24.19 -29.33 0.29
C GLY B 51 23.35 -28.65 -0.78
N ASP B 52 23.56 -29.04 -2.03
CA ASP B 52 22.81 -28.47 -3.15
C ASP B 52 21.65 -29.35 -3.54
N LEU B 53 20.45 -28.77 -3.58
CA LEU B 53 19.26 -29.53 -3.95
C LEU B 53 19.36 -30.09 -5.36
N PRO B 54 18.85 -31.31 -5.57
CA PRO B 54 18.89 -31.96 -6.88
C PRO B 54 17.63 -31.63 -7.70
N PHE B 55 17.79 -30.84 -8.76
CA PHE B 55 16.66 -30.49 -9.61
C PHE B 55 16.72 -31.31 -10.90
N ALA B 56 15.77 -32.24 -11.04
CA ALA B 56 15.71 -33.10 -12.22
C ALA B 56 15.10 -32.38 -13.43
N ASP B 57 15.28 -32.96 -14.61
CA ASP B 57 14.74 -32.35 -15.82
C ASP B 57 13.32 -32.79 -16.07
N ILE B 58 12.50 -31.87 -16.56
CA ILE B 58 11.12 -32.17 -16.90
C ILE B 58 11.08 -32.17 -18.42
N PRO B 59 11.31 -33.35 -19.04
CA PRO B 59 11.31 -33.51 -20.50
C PRO B 59 10.24 -32.68 -21.19
N ASN B 60 8.99 -33.10 -21.07
CA ASN B 60 7.89 -32.34 -21.68
C ASN B 60 7.43 -31.25 -20.73
N ASP B 61 7.99 -30.06 -20.90
CA ASP B 61 7.64 -28.92 -20.07
C ASP B 61 7.13 -27.81 -20.97
N SER B 62 6.13 -28.14 -21.79
CA SER B 62 5.53 -27.19 -22.72
C SER B 62 5.24 -25.84 -22.07
N PRO B 63 5.32 -24.76 -22.85
CA PRO B 63 5.07 -23.39 -22.38
C PRO B 63 3.61 -23.09 -22.03
N PHE B 64 3.39 -22.42 -20.90
CA PHE B 64 2.06 -22.00 -20.51
C PHE B 64 2.00 -20.59 -21.07
N GLN B 65 1.34 -20.43 -22.22
CA GLN B 65 1.28 -19.13 -22.89
C GLN B 65 2.72 -18.83 -23.28
N ILE B 66 3.27 -17.77 -22.68
CA ILE B 66 4.67 -17.37 -22.94
C ILE B 66 5.58 -17.81 -21.79
N VAL B 67 4.98 -18.37 -20.75
CA VAL B 67 5.75 -18.81 -19.59
C VAL B 67 6.53 -20.10 -19.87
N LYS B 68 7.83 -19.97 -20.08
CA LYS B 68 8.68 -21.10 -20.37
C LYS B 68 9.06 -21.88 -19.10
N ASN B 69 9.23 -23.19 -19.27
CA ASN B 69 9.59 -24.08 -18.17
C ASN B 69 8.79 -23.88 -16.89
N PRO B 70 7.46 -23.73 -17.01
CA PRO B 70 6.64 -23.54 -15.81
C PRO B 70 6.77 -24.68 -14.80
N ARG B 71 6.78 -25.90 -15.32
CA ARG B 71 6.86 -27.09 -14.49
C ARG B 71 8.21 -27.29 -13.80
N SER B 72 9.31 -27.04 -14.50
CA SER B 72 10.64 -27.18 -13.93
C SER B 72 10.83 -26.14 -12.83
N VAL B 73 10.45 -24.90 -13.14
CA VAL B 73 10.56 -23.77 -12.21
C VAL B 73 9.59 -23.98 -11.03
N GLY B 74 8.33 -24.25 -11.35
CA GLY B 74 7.35 -24.48 -10.31
C GLY B 74 7.74 -25.64 -9.43
N LYS B 75 8.45 -26.62 -10.00
CA LYS B 75 8.87 -27.78 -9.24
C LYS B 75 10.09 -27.50 -8.37
N ALA B 76 11.09 -26.83 -8.92
CA ALA B 76 12.29 -26.52 -8.16
C ALA B 76 11.98 -25.66 -6.93
N SER B 77 11.04 -24.73 -7.06
CA SER B 77 10.66 -23.88 -5.94
C SER B 77 9.96 -24.68 -4.87
N GLU B 78 9.16 -25.66 -5.29
CA GLU B 78 8.43 -26.51 -4.36
C GLU B 78 9.42 -27.30 -3.52
N GLN B 79 10.44 -27.85 -4.15
CA GLN B 79 11.47 -28.60 -3.45
C GLN B 79 12.09 -27.66 -2.42
N LEU B 80 12.67 -26.58 -2.94
CA LEU B 80 13.33 -25.56 -2.13
C LEU B 80 12.53 -25.12 -0.90
N ALA B 81 11.21 -25.01 -1.03
CA ALA B 81 10.34 -24.59 0.08
C ALA B 81 10.38 -25.61 1.22
N GLY B 82 10.50 -26.88 0.87
CA GLY B 82 10.56 -27.92 1.88
C GLY B 82 11.91 -27.88 2.56
N LYS B 83 12.97 -27.62 1.79
CA LYS B 83 14.33 -27.55 2.32
C LYS B 83 14.48 -26.32 3.24
N VAL B 84 13.70 -25.27 2.94
CA VAL B 84 13.73 -24.04 3.73
C VAL B 84 12.96 -24.20 5.04
N ALA B 85 11.79 -24.84 4.99
CA ALA B 85 11.02 -25.05 6.20
C ALA B 85 11.79 -25.98 7.10
N GLU B 86 12.50 -26.93 6.49
CA GLU B 86 13.31 -27.89 7.23
C GLU B 86 14.36 -27.15 8.05
N VAL B 87 15.25 -26.44 7.36
CA VAL B 87 16.32 -25.67 8.00
C VAL B 87 15.75 -24.69 9.02
N LYS B 88 14.63 -24.07 8.70
CA LYS B 88 14.00 -23.12 9.62
C LYS B 88 13.55 -23.80 10.92
N LYS B 89 13.11 -25.04 10.82
CA LYS B 89 12.66 -25.80 11.99
C LYS B 89 13.86 -26.19 12.83
N ASN B 90 15.01 -26.29 12.18
CA ASN B 90 16.25 -26.66 12.85
C ASN B 90 16.88 -25.44 13.53
N GLY B 91 16.06 -24.42 13.74
CA GLY B 91 16.50 -23.19 14.40
C GLY B 91 17.67 -22.51 13.71
N ARG B 92 17.73 -22.60 12.39
CA ARG B 92 18.81 -21.99 11.63
C ARG B 92 18.32 -20.93 10.67
N ILE B 93 19.23 -20.05 10.26
CA ILE B 93 18.91 -18.99 9.30
C ILE B 93 19.05 -19.67 7.94
N SER B 94 18.06 -19.50 7.06
CA SER B 94 18.14 -20.11 5.73
C SER B 94 18.91 -19.24 4.75
N LEU B 95 19.97 -19.80 4.18
CA LEU B 95 20.81 -19.10 3.22
C LEU B 95 20.79 -19.84 1.89
N VAL B 96 19.97 -19.35 0.97
CA VAL B 96 19.82 -19.96 -0.35
C VAL B 96 20.78 -19.36 -1.37
N LEU B 97 21.54 -20.22 -2.03
CA LEU B 97 22.48 -19.81 -3.06
C LEU B 97 21.93 -20.17 -4.43
N GLY B 98 21.36 -19.20 -5.14
CA GLY B 98 20.81 -19.47 -6.46
C GLY B 98 21.92 -19.40 -7.50
N GLY B 99 21.57 -19.55 -8.78
CA GLY B 99 20.20 -19.76 -9.17
C GLY B 99 19.50 -18.46 -9.52
N ASP B 100 18.47 -18.55 -10.37
CA ASP B 100 17.71 -17.37 -10.78
C ASP B 100 16.64 -17.06 -9.73
N HIS B 101 16.24 -15.79 -9.67
CA HIS B 101 15.27 -15.29 -8.69
C HIS B 101 13.87 -15.93 -8.72
N SER B 102 13.65 -16.92 -9.58
CA SER B 102 12.35 -17.57 -9.61
C SER B 102 12.27 -18.46 -8.39
N LEU B 103 13.43 -18.87 -7.89
CA LEU B 103 13.51 -19.71 -6.71
C LEU B 103 12.98 -19.00 -5.47
N ALA B 104 12.81 -17.67 -5.54
CA ALA B 104 12.31 -16.91 -4.40
C ALA B 104 10.91 -17.35 -3.99
N ILE B 105 10.17 -17.89 -4.95
CA ILE B 105 8.82 -18.36 -4.67
C ILE B 105 8.96 -19.46 -3.60
N GLY B 106 9.87 -20.40 -3.83
CA GLY B 106 10.09 -21.49 -2.89
C GLY B 106 10.77 -21.06 -1.60
N SER B 107 11.76 -20.19 -1.72
CA SER B 107 12.51 -19.68 -0.58
C SER B 107 11.60 -19.00 0.45
N ILE B 108 10.86 -17.98 0.02
CA ILE B 108 9.95 -17.26 0.89
C ILE B 108 8.79 -18.15 1.34
N SER B 109 8.28 -18.97 0.43
CA SER B 109 7.18 -19.87 0.78
C SER B 109 7.61 -20.77 1.92
N GLY B 110 8.69 -21.51 1.71
CA GLY B 110 9.21 -22.41 2.73
C GLY B 110 9.52 -21.70 4.04
N HIS B 111 9.88 -20.42 3.96
CA HIS B 111 10.19 -19.63 5.15
C HIS B 111 8.91 -19.20 5.87
N ALA B 112 7.90 -18.77 5.12
CA ALA B 112 6.63 -18.35 5.71
C ALA B 112 5.79 -19.49 6.32
N ARG B 113 6.23 -20.74 6.13
CA ARG B 113 5.53 -21.88 6.70
C ARG B 113 5.85 -22.00 8.19
N VAL B 114 7.08 -21.64 8.55
CA VAL B 114 7.50 -21.71 9.94
C VAL B 114 7.32 -20.33 10.57
N HIS B 115 7.51 -19.30 9.77
CA HIS B 115 7.38 -17.92 10.23
C HIS B 115 6.44 -17.17 9.29
N PRO B 116 5.12 -17.37 9.43
CA PRO B 116 4.12 -16.72 8.59
C PRO B 116 4.06 -15.20 8.73
N ASP B 117 4.79 -14.67 9.71
CA ASP B 117 4.81 -13.23 9.98
C ASP B 117 6.07 -12.55 9.46
N LEU B 118 6.82 -13.23 8.59
CA LEU B 118 8.06 -12.68 8.05
C LEU B 118 7.83 -11.41 7.24
N GLY B 119 8.83 -10.53 7.24
CA GLY B 119 8.74 -9.30 6.48
C GLY B 119 9.78 -9.42 5.38
N VAL B 120 9.48 -8.90 4.19
CA VAL B 120 10.43 -9.04 3.08
C VAL B 120 11.13 -7.77 2.63
N ILE B 121 12.46 -7.87 2.49
CA ILE B 121 13.30 -6.80 1.98
C ILE B 121 13.80 -7.38 0.66
N TRP B 122 13.50 -6.71 -0.44
CA TRP B 122 13.87 -7.21 -1.77
C TRP B 122 14.84 -6.25 -2.47
N VAL B 123 16.13 -6.60 -2.46
CA VAL B 123 17.15 -5.77 -3.09
C VAL B 123 17.26 -6.20 -4.55
N ASP B 124 16.98 -5.27 -5.46
CA ASP B 124 17.00 -5.62 -6.87
C ASP B 124 16.89 -4.40 -7.78
N ALA B 125 17.28 -4.58 -9.04
CA ALA B 125 17.16 -3.52 -10.02
C ALA B 125 15.74 -3.68 -10.57
N HIS B 126 15.20 -4.88 -10.42
CA HIS B 126 13.85 -5.22 -10.90
C HIS B 126 12.87 -5.63 -9.80
N THR B 127 11.59 -5.38 -10.05
CA THR B 127 10.53 -5.74 -9.11
C THR B 127 10.22 -7.22 -9.14
N ASP B 128 10.47 -7.86 -10.28
CA ASP B 128 10.17 -9.28 -10.45
C ASP B 128 8.75 -9.52 -9.99
N ILE B 129 7.86 -8.64 -10.39
CA ILE B 129 6.46 -8.73 -9.99
C ILE B 129 5.54 -8.95 -11.19
N ASN B 130 6.12 -9.30 -12.34
CA ASN B 130 5.30 -9.56 -13.51
C ASN B 130 4.45 -10.80 -13.22
N THR B 131 3.25 -10.88 -13.82
CA THR B 131 2.40 -12.04 -13.63
C THR B 131 2.45 -12.84 -14.93
N PRO B 132 1.90 -14.06 -14.93
CA PRO B 132 1.93 -14.87 -16.15
C PRO B 132 1.22 -14.18 -17.31
N LEU B 133 0.44 -13.14 -16.98
CA LEU B 133 -0.34 -12.40 -17.98
C LEU B 133 0.20 -11.00 -18.28
N THR B 134 1.10 -10.49 -17.45
CA THR B 134 1.67 -9.17 -17.67
C THR B 134 3.08 -9.27 -18.25
N THR B 135 3.67 -10.45 -18.09
CA THR B 135 5.02 -10.70 -18.58
C THR B 135 5.14 -10.54 -20.09
N THR B 136 6.30 -10.03 -20.51
CA THR B 136 6.59 -9.83 -21.91
C THR B 136 7.59 -10.91 -22.31
N SER B 137 8.64 -11.02 -21.51
CA SER B 137 9.70 -11.98 -21.73
C SER B 137 9.20 -13.42 -21.62
N GLY B 138 8.36 -13.68 -20.62
CA GLY B 138 7.83 -15.02 -20.39
C GLY B 138 8.72 -15.82 -19.44
N ASN B 139 9.76 -15.17 -18.94
CA ASN B 139 10.68 -15.81 -18.01
C ASN B 139 10.16 -15.64 -16.59
N LEU B 140 10.17 -16.74 -15.84
CA LEU B 140 9.67 -16.75 -14.48
C LEU B 140 10.51 -16.05 -13.43
N HIS B 141 11.79 -15.81 -13.71
CA HIS B 141 12.65 -15.15 -12.73
C HIS B 141 12.26 -13.69 -12.58
N GLY B 142 11.32 -13.27 -13.41
CA GLY B 142 10.83 -11.90 -13.36
C GLY B 142 9.38 -11.84 -12.94
N GLN B 143 8.91 -12.89 -12.26
CA GLN B 143 7.54 -13.00 -11.76
C GLN B 143 7.41 -13.57 -10.34
N PRO B 144 8.52 -13.93 -9.68
CA PRO B 144 8.40 -14.51 -8.32
C PRO B 144 7.48 -13.82 -7.33
N VAL B 145 7.54 -12.49 -7.27
CA VAL B 145 6.70 -11.77 -6.31
C VAL B 145 5.19 -11.93 -6.55
N SER B 146 4.77 -11.93 -7.81
CA SER B 146 3.35 -12.07 -8.14
C SER B 146 2.72 -13.32 -7.50
N PHE B 147 3.44 -14.44 -7.56
CA PHE B 147 2.96 -15.70 -6.99
C PHE B 147 2.88 -15.63 -5.47
N LEU B 148 3.64 -14.72 -4.88
CA LEU B 148 3.69 -14.59 -3.43
C LEU B 148 2.68 -13.66 -2.77
N LEU B 149 2.39 -12.52 -3.38
CA LEU B 149 1.44 -11.59 -2.77
C LEU B 149 -0.03 -12.02 -2.79
N LYS B 150 -0.65 -11.97 -1.61
CA LYS B 150 -2.05 -12.34 -1.44
C LYS B 150 -3.02 -11.48 -2.25
N GLU B 151 -2.73 -10.17 -2.33
CA GLU B 151 -3.57 -9.24 -3.07
C GLU B 151 -3.64 -9.54 -4.56
N LEU B 152 -2.78 -10.43 -5.04
CA LEU B 152 -2.76 -10.76 -6.47
C LEU B 152 -3.42 -12.09 -6.85
N LYS B 153 -3.90 -12.83 -5.86
CA LYS B 153 -4.56 -14.10 -6.19
C LYS B 153 -5.89 -13.73 -6.83
N GLY B 154 -6.07 -14.19 -8.06
CA GLY B 154 -7.27 -13.87 -8.82
C GLY B 154 -6.75 -13.24 -10.10
N LYS B 155 -5.48 -12.83 -10.04
CA LYS B 155 -4.79 -12.23 -11.17
C LYS B 155 -3.74 -13.19 -11.71
N ILE B 156 -3.48 -14.24 -10.94
CA ILE B 156 -2.51 -15.26 -11.33
C ILE B 156 -3.23 -16.48 -11.91
N PRO B 157 -2.93 -16.83 -13.18
CA PRO B 157 -3.58 -17.98 -13.81
C PRO B 157 -3.08 -19.29 -13.21
N ASP B 158 -3.91 -20.34 -13.30
CA ASP B 158 -3.51 -21.65 -12.80
C ASP B 158 -2.42 -22.18 -13.73
N VAL B 159 -1.16 -21.95 -13.37
CA VAL B 159 -0.06 -22.40 -14.20
C VAL B 159 0.48 -23.75 -13.73
N PRO B 160 0.64 -24.69 -14.66
CA PRO B 160 1.15 -26.01 -14.28
C PRO B 160 2.48 -25.86 -13.53
N GLY B 161 2.62 -26.65 -12.46
CA GLY B 161 3.82 -26.61 -11.65
C GLY B 161 3.62 -25.78 -10.39
N PHE B 162 2.63 -24.90 -10.41
CA PHE B 162 2.39 -24.04 -9.26
C PHE B 162 1.05 -24.25 -8.56
N SER B 163 0.73 -25.51 -8.26
CA SER B 163 -0.53 -25.78 -7.58
C SER B 163 -0.31 -25.65 -6.08
N TRP B 164 0.87 -26.07 -5.63
CA TRP B 164 1.23 -26.05 -4.22
C TRP B 164 1.28 -24.64 -3.61
N VAL B 165 1.63 -23.67 -4.45
CA VAL B 165 1.76 -22.28 -4.04
C VAL B 165 0.53 -21.64 -3.41
N THR B 166 0.75 -21.01 -2.25
CA THR B 166 -0.30 -20.31 -1.54
C THR B 166 0.24 -18.93 -1.20
N PRO B 167 -0.36 -17.86 -1.73
CA PRO B 167 0.08 -16.48 -1.46
C PRO B 167 0.37 -16.34 0.03
N CYS B 168 1.63 -16.12 0.38
CA CYS B 168 2.00 -16.02 1.78
C CYS B 168 2.45 -14.66 2.29
N ILE B 169 2.67 -13.73 1.37
CA ILE B 169 3.10 -12.39 1.77
C ILE B 169 2.12 -11.32 1.30
N SER B 170 1.79 -10.40 2.21
CA SER B 170 0.88 -9.30 1.92
C SER B 170 1.64 -8.11 1.34
N ALA B 171 0.97 -7.37 0.46
CA ALA B 171 1.56 -6.19 -0.18
C ALA B 171 2.17 -5.22 0.82
N LYS B 172 1.63 -5.18 2.02
CA LYS B 172 2.09 -4.27 3.05
C LYS B 172 3.34 -4.72 3.80
N ASP B 173 3.78 -5.96 3.56
CA ASP B 173 4.96 -6.47 4.27
C ASP B 173 6.16 -6.77 3.40
N ILE B 174 6.34 -5.95 2.37
CA ILE B 174 7.46 -6.12 1.46
C ILE B 174 8.01 -4.75 1.09
N VAL B 175 9.34 -4.67 0.98
CA VAL B 175 10.01 -3.43 0.61
C VAL B 175 11.09 -3.64 -0.44
N TYR B 176 11.05 -2.81 -1.47
CA TYR B 176 12.04 -2.86 -2.55
C TYR B 176 13.13 -1.81 -2.33
N ILE B 177 14.36 -2.15 -2.69
CA ILE B 177 15.49 -1.22 -2.59
C ILE B 177 16.39 -1.43 -3.83
N GLY B 178 16.49 -0.42 -4.69
CA GLY B 178 17.34 -0.53 -5.87
C GLY B 178 16.69 -0.62 -7.24
N LEU B 179 15.39 -0.33 -7.35
CA LEU B 179 14.69 -0.40 -8.63
C LEU B 179 15.12 0.64 -9.66
N ARG B 180 15.36 0.20 -10.89
CA ARG B 180 15.74 1.11 -11.97
C ARG B 180 15.36 0.59 -13.37
N ASP B 181 14.58 -0.50 -13.39
CA ASP B 181 14.06 -1.05 -14.63
C ASP B 181 12.81 -1.85 -14.30
N VAL B 182 11.70 -1.14 -14.19
CA VAL B 182 10.41 -1.73 -13.87
C VAL B 182 9.52 -1.67 -15.11
N ASP B 183 8.85 -2.77 -15.42
CA ASP B 183 7.97 -2.85 -16.58
C ASP B 183 6.73 -1.99 -16.35
N PRO B 184 6.07 -1.53 -17.44
CA PRO B 184 4.87 -0.69 -17.35
C PRO B 184 3.80 -1.29 -16.42
N GLY B 185 3.59 -2.60 -16.54
CA GLY B 185 2.62 -3.28 -15.70
C GLY B 185 3.09 -3.43 -14.26
N GLU B 186 4.36 -3.77 -14.09
CA GLU B 186 4.91 -3.92 -12.76
C GLU B 186 4.78 -2.61 -12.00
N HIS B 187 4.94 -1.50 -12.70
CA HIS B 187 4.82 -0.17 -12.10
C HIS B 187 3.36 0.02 -11.68
N TYR B 188 2.44 -0.31 -12.59
CA TYR B 188 1.02 -0.19 -12.31
C TYR B 188 0.69 -0.96 -11.04
N ILE B 189 1.38 -2.08 -10.84
CA ILE B 189 1.15 -2.91 -9.66
C ILE B 189 1.68 -2.21 -8.41
N LEU B 190 2.90 -1.68 -8.50
CA LEU B 190 3.52 -0.98 -7.37
C LEU B 190 2.53 0.01 -6.79
N LYS B 191 2.23 1.02 -7.61
CA LYS B 191 1.33 2.11 -7.29
C LYS B 191 -0.01 1.63 -6.76
N THR B 192 -0.72 0.86 -7.59
CA THR B 192 -2.03 0.35 -7.24
C THR B 192 -2.10 -0.39 -5.90
N LEU B 193 -1.24 -1.38 -5.71
CA LEU B 193 -1.24 -2.14 -4.46
C LEU B 193 -0.57 -1.37 -3.32
N GLY B 194 0.20 -0.34 -3.67
CA GLY B 194 0.86 0.47 -2.67
C GLY B 194 1.99 -0.22 -1.95
N ILE B 195 2.84 -0.90 -2.70
CA ILE B 195 3.99 -1.62 -2.14
C ILE B 195 5.13 -0.64 -1.89
N LYS B 196 5.70 -0.70 -0.69
CA LYS B 196 6.79 0.19 -0.32
C LYS B 196 8.05 -0.10 -1.13
N TYR B 197 8.57 0.91 -1.81
CA TYR B 197 9.77 0.74 -2.62
C TYR B 197 10.66 1.97 -2.55
N PHE B 198 11.96 1.74 -2.69
CA PHE B 198 12.93 2.81 -2.70
C PHE B 198 13.73 2.57 -3.98
N SER B 199 13.32 3.21 -5.06
CA SER B 199 14.03 3.07 -6.33
C SER B 199 15.34 3.84 -6.18
N MET B 200 16.18 3.80 -7.22
CA MET B 200 17.44 4.52 -7.15
C MET B 200 17.24 6.01 -6.95
N THR B 201 16.05 6.50 -7.32
CA THR B 201 15.72 7.91 -7.16
C THR B 201 15.61 8.25 -5.68
N GLU B 202 14.86 7.43 -4.93
CA GLU B 202 14.70 7.62 -3.50
C GLU B 202 16.05 7.48 -2.81
N VAL B 203 16.86 6.54 -3.30
CA VAL B 203 18.18 6.31 -2.73
C VAL B 203 19.02 7.57 -2.96
N ASP B 204 18.91 8.15 -4.15
CA ASP B 204 19.65 9.36 -4.48
C ASP B 204 19.13 10.52 -3.63
N ARG B 205 17.82 10.56 -3.44
CA ARG B 205 17.18 11.61 -2.66
C ARG B 205 17.48 11.52 -1.16
N LEU B 206 17.22 10.35 -0.58
CA LEU B 206 17.42 10.14 0.85
C LEU B 206 18.82 9.72 1.30
N GLY B 207 19.53 8.98 0.45
CA GLY B 207 20.83 8.50 0.84
C GLY B 207 20.51 7.18 1.51
N ILE B 208 21.34 6.16 1.30
CA ILE B 208 21.09 4.85 1.88
C ILE B 208 20.84 4.83 3.39
N GLY B 209 21.50 5.72 4.12
CA GLY B 209 21.32 5.77 5.56
C GLY B 209 19.87 5.94 5.93
N LYS B 210 19.21 6.93 5.33
CA LYS B 210 17.81 7.20 5.62
C LYS B 210 16.93 6.13 4.98
N VAL B 211 17.39 5.56 3.86
CA VAL B 211 16.62 4.52 3.20
C VAL B 211 16.46 3.31 4.11
N MET B 212 17.54 2.91 4.80
CA MET B 212 17.50 1.77 5.69
C MET B 212 16.67 2.04 6.94
N GLU B 213 16.74 3.28 7.43
CA GLU B 213 15.98 3.66 8.61
C GLU B 213 14.48 3.58 8.32
N GLU B 214 14.07 4.14 7.20
CA GLU B 214 12.66 4.12 6.80
C GLU B 214 12.19 2.70 6.44
N THR B 215 13.10 1.87 5.92
CA THR B 215 12.76 0.50 5.55
C THR B 215 12.55 -0.40 6.78
N LEU B 216 13.46 -0.33 7.74
CA LEU B 216 13.34 -1.13 8.94
C LEU B 216 12.18 -0.65 9.78
N SER B 217 11.97 0.66 9.77
CA SER B 217 10.90 1.28 10.54
C SER B 217 9.54 0.88 9.96
N TYR B 218 9.43 0.94 8.64
CA TYR B 218 8.19 0.56 7.96
C TYR B 218 7.84 -0.91 8.15
N LEU B 219 8.86 -1.76 8.27
CA LEU B 219 8.67 -3.20 8.44
C LEU B 219 8.62 -3.67 9.88
N LEU B 220 9.40 -3.04 10.75
CA LEU B 220 9.46 -3.46 12.16
C LEU B 220 8.78 -2.57 13.20
N GLY B 221 8.31 -1.41 12.77
CA GLY B 221 7.65 -0.50 13.69
C GLY B 221 6.52 -1.19 14.42
N ARG B 222 5.46 -1.52 13.67
CA ARG B 222 4.28 -2.19 14.21
C ARG B 222 4.62 -3.33 15.17
N LYS B 223 5.70 -4.06 14.89
CA LYS B 223 6.11 -5.17 15.75
C LYS B 223 7.42 -5.77 15.25
N LYS B 224 8.09 -6.54 16.12
CA LYS B 224 9.35 -7.19 15.78
C LYS B 224 9.09 -8.57 15.15
N ARG B 225 9.16 -8.64 13.82
CA ARG B 225 8.93 -9.91 13.12
C ARG B 225 10.14 -10.36 12.28
N PRO B 226 10.19 -11.66 11.93
CA PRO B 226 11.30 -12.20 11.14
C PRO B 226 11.53 -11.43 9.85
N ILE B 227 12.78 -11.41 9.40
CA ILE B 227 13.14 -10.72 8.17
C ILE B 227 13.71 -11.66 7.12
N HIS B 228 13.15 -11.56 5.91
CA HIS B 228 13.63 -12.36 4.80
C HIS B 228 14.21 -11.40 3.78
N LEU B 229 15.53 -11.46 3.58
CA LEU B 229 16.21 -10.61 2.61
C LEU B 229 16.49 -11.41 1.32
N SER B 230 15.84 -11.04 0.23
CA SER B 230 16.06 -11.71 -1.05
C SER B 230 16.99 -10.78 -1.83
N PHE B 231 18.25 -11.16 -1.97
CA PHE B 231 19.22 -10.31 -2.66
C PHE B 231 19.54 -10.69 -4.11
N ASP B 232 19.18 -9.80 -5.04
CA ASP B 232 19.49 -10.01 -6.44
C ASP B 232 20.75 -9.17 -6.68
N VAL B 233 21.85 -9.85 -7.02
CA VAL B 233 23.12 -9.18 -7.26
C VAL B 233 23.04 -8.04 -8.27
N ASP B 234 22.10 -8.13 -9.21
CA ASP B 234 21.94 -7.06 -10.20
C ASP B 234 21.33 -5.81 -9.54
N GLY B 235 21.18 -5.86 -8.22
CA GLY B 235 20.64 -4.74 -7.48
C GLY B 235 21.77 -3.72 -7.38
N LEU B 236 23.00 -4.24 -7.40
CA LEU B 236 24.19 -3.39 -7.35
C LEU B 236 24.64 -3.09 -8.79
N ASP B 237 25.34 -1.98 -8.96
CA ASP B 237 25.83 -1.55 -10.26
C ASP B 237 26.74 -2.62 -10.88
N PRO B 238 26.59 -2.88 -12.19
CA PRO B 238 27.38 -3.87 -12.93
C PRO B 238 28.89 -3.68 -12.94
N SER B 239 29.36 -2.57 -12.38
CA SER B 239 30.79 -2.32 -12.31
C SER B 239 31.30 -3.08 -11.09
N PHE B 240 30.35 -3.54 -10.26
CA PHE B 240 30.63 -4.30 -9.04
C PHE B 240 30.17 -5.75 -9.19
N THR B 241 29.07 -5.94 -9.90
CA THR B 241 28.51 -7.27 -10.15
C THR B 241 28.20 -7.50 -11.64
N PRO B 242 29.24 -7.44 -12.50
CA PRO B 242 29.08 -7.63 -13.94
C PRO B 242 28.56 -9.00 -14.40
N ALA B 243 28.97 -10.06 -13.71
CA ALA B 243 28.54 -11.41 -14.05
C ALA B 243 27.15 -11.76 -13.49
N THR B 244 26.12 -11.29 -14.18
CA THR B 244 24.74 -11.54 -13.78
C THR B 244 23.89 -11.37 -15.03
N GLY B 245 22.82 -12.17 -15.13
CA GLY B 245 21.95 -12.14 -16.28
C GLY B 245 21.31 -10.85 -16.76
N THR B 246 20.82 -10.03 -15.83
CA THR B 246 20.16 -8.80 -16.21
C THR B 246 20.69 -7.55 -15.48
N PRO B 247 21.85 -7.04 -15.93
CA PRO B 247 22.53 -5.86 -15.37
C PRO B 247 21.96 -4.52 -15.85
N VAL B 248 21.96 -3.53 -14.98
CA VAL B 248 21.43 -2.20 -15.29
C VAL B 248 22.33 -1.13 -14.67
N VAL B 249 22.68 -0.12 -15.46
CA VAL B 249 23.55 0.96 -14.98
C VAL B 249 22.91 1.79 -13.88
N GLY B 250 23.74 2.53 -13.14
CA GLY B 250 23.26 3.37 -12.06
C GLY B 250 22.66 2.65 -10.85
N GLY B 251 23.26 1.53 -10.47
CA GLY B 251 22.75 0.77 -9.33
C GLY B 251 23.41 1.09 -8.01
N LEU B 252 23.20 0.23 -7.01
CA LEU B 252 23.78 0.43 -5.68
C LEU B 252 25.29 0.19 -5.66
N THR B 253 26.00 1.08 -4.97
CA THR B 253 27.45 0.98 -4.86
C THR B 253 27.80 -0.17 -3.94
N TYR B 254 29.07 -0.54 -3.94
CA TYR B 254 29.57 -1.60 -3.08
C TYR B 254 29.20 -1.25 -1.64
N ARG B 255 29.60 -0.03 -1.23
CA ARG B 255 29.33 0.47 0.11
C ARG B 255 27.85 0.43 0.51
N GLU B 256 26.96 0.71 -0.44
CA GLU B 256 25.52 0.68 -0.16
C GLU B 256 25.08 -0.78 -0.02
N GLY B 257 25.74 -1.67 -0.76
CA GLY B 257 25.41 -3.08 -0.67
C GLY B 257 25.73 -3.55 0.74
N LEU B 258 26.88 -3.13 1.26
CA LEU B 258 27.32 -3.50 2.60
C LEU B 258 26.53 -2.86 3.73
N TYR B 259 26.15 -1.60 3.58
CA TYR B 259 25.40 -0.90 4.61
C TYR B 259 24.00 -1.49 4.86
N ILE B 260 23.30 -1.83 3.78
CA ILE B 260 21.97 -2.42 3.86
C ILE B 260 22.07 -3.69 4.70
N THR B 261 22.92 -4.61 4.24
CA THR B 261 23.12 -5.87 4.95
C THR B 261 23.65 -5.68 6.38
N GLU B 262 24.51 -4.68 6.59
CA GLU B 262 25.04 -4.42 7.92
C GLU B 262 23.92 -3.98 8.85
N GLU B 263 22.97 -3.20 8.32
CA GLU B 263 21.84 -2.73 9.12
C GLU B 263 20.81 -3.83 9.39
N ILE B 264 20.61 -4.71 8.41
CA ILE B 264 19.67 -5.80 8.59
C ILE B 264 20.20 -6.75 9.67
N TYR B 265 21.51 -6.96 9.68
CA TYR B 265 22.13 -7.82 10.67
C TYR B 265 21.87 -7.30 12.09
N LYS B 266 22.07 -6.00 12.28
CA LYS B 266 21.88 -5.40 13.59
C LYS B 266 20.47 -5.47 14.16
N THR B 267 19.46 -5.64 13.31
CA THR B 267 18.09 -5.75 13.80
C THR B 267 17.99 -7.06 14.58
N GLY B 268 18.82 -8.02 14.18
CA GLY B 268 18.82 -9.32 14.84
C GLY B 268 17.59 -10.13 14.49
N LEU B 269 16.93 -9.74 13.41
CA LEU B 269 15.73 -10.44 12.98
C LEU B 269 15.87 -11.15 11.66
N LEU B 270 17.08 -11.15 11.08
CA LEU B 270 17.29 -11.85 9.82
C LEU B 270 16.89 -13.29 10.08
N SER B 271 16.16 -13.91 9.15
CA SER B 271 15.71 -15.28 9.33
C SER B 271 15.87 -16.07 8.04
N GLY B 272 15.99 -15.35 6.93
CA GLY B 272 16.16 -15.98 5.63
C GLY B 272 16.93 -15.07 4.71
N LEU B 273 17.78 -15.65 3.86
CA LEU B 273 18.58 -14.86 2.92
C LEU B 273 18.79 -15.58 1.59
N ASP B 274 18.65 -14.84 0.50
CA ASP B 274 18.88 -15.40 -0.85
C ASP B 274 19.98 -14.58 -1.49
N ILE B 275 20.85 -15.26 -2.23
CA ILE B 275 21.93 -14.61 -2.97
C ILE B 275 21.70 -15.10 -4.39
N MET B 276 20.83 -14.38 -5.10
CA MET B 276 20.44 -14.75 -6.45
C MET B 276 21.09 -14.02 -7.63
N GLU B 277 20.95 -14.65 -8.78
CA GLU B 277 21.42 -14.15 -10.07
C GLU B 277 22.92 -14.04 -10.32
N VAL B 278 23.73 -14.82 -9.61
CA VAL B 278 25.17 -14.78 -9.88
C VAL B 278 25.42 -15.76 -11.03
N ASN B 279 25.93 -15.25 -12.15
CA ASN B 279 26.19 -16.07 -13.32
C ASN B 279 27.62 -15.90 -13.80
N PRO B 280 28.51 -16.83 -13.44
CA PRO B 280 29.92 -16.77 -13.83
C PRO B 280 30.18 -16.69 -15.35
N SER B 281 29.45 -17.50 -16.12
CA SER B 281 29.60 -17.53 -17.58
C SER B 281 29.44 -16.18 -18.25
N LEU B 282 28.76 -15.26 -17.58
CA LEU B 282 28.49 -13.93 -18.12
C LEU B 282 29.53 -12.88 -17.79
N GLY B 283 30.67 -13.31 -17.24
CA GLY B 283 31.72 -12.37 -16.94
C GLY B 283 32.59 -12.33 -18.18
N LYS B 284 32.89 -11.14 -18.69
CA LYS B 284 33.72 -11.03 -19.88
C LYS B 284 35.14 -11.49 -19.61
N THR B 285 35.68 -11.13 -18.44
CA THR B 285 37.03 -11.52 -18.06
C THR B 285 36.94 -12.33 -16.76
N PRO B 286 37.87 -13.27 -16.57
CA PRO B 286 37.88 -14.11 -15.35
C PRO B 286 37.86 -13.23 -14.11
N GLU B 287 38.29 -11.98 -14.27
CA GLU B 287 38.32 -11.02 -13.19
C GLU B 287 36.91 -10.52 -12.87
N GLU B 288 36.14 -10.20 -13.90
CA GLU B 288 34.78 -9.71 -13.71
C GLU B 288 33.99 -10.75 -12.94
N VAL B 289 34.41 -12.01 -13.05
CA VAL B 289 33.73 -13.10 -12.34
C VAL B 289 34.08 -13.08 -10.86
N THR B 290 35.36 -12.93 -10.54
CA THR B 290 35.80 -12.92 -9.15
C THR B 290 35.32 -11.63 -8.49
N ARG B 291 35.31 -10.53 -9.23
CA ARG B 291 34.84 -9.27 -8.68
C ARG B 291 33.40 -9.48 -8.22
N THR B 292 32.63 -10.17 -9.06
CA THR B 292 31.23 -10.45 -8.77
C THR B 292 31.05 -11.42 -7.60
N VAL B 293 31.75 -12.55 -7.65
CA VAL B 293 31.65 -13.54 -6.58
C VAL B 293 32.09 -12.99 -5.22
N ASN B 294 33.18 -12.22 -5.22
CA ASN B 294 33.72 -11.62 -3.98
C ASN B 294 32.75 -10.60 -3.39
N THR B 295 32.07 -9.86 -4.26
CA THR B 295 31.12 -8.88 -3.77
C THR B 295 29.97 -9.65 -3.17
N ALA B 296 29.57 -10.72 -3.85
CA ALA B 296 28.48 -11.57 -3.39
C ALA B 296 28.83 -12.14 -2.01
N VAL B 297 30.06 -12.60 -1.83
CA VAL B 297 30.49 -13.18 -0.56
C VAL B 297 30.57 -12.09 0.51
N ALA B 298 31.04 -10.91 0.12
CA ALA B 298 31.18 -9.79 1.03
C ALA B 298 29.83 -9.42 1.63
N ILE B 299 28.82 -9.31 0.77
CA ILE B 299 27.49 -8.92 1.22
C ILE B 299 26.87 -9.97 2.14
N THR B 300 27.08 -11.23 1.82
CA THR B 300 26.55 -12.34 2.61
C THR B 300 27.15 -12.32 4.02
N LEU B 301 28.46 -12.10 4.12
CA LEU B 301 29.16 -12.08 5.41
C LEU B 301 28.70 -10.95 6.33
N ALA B 302 28.33 -9.81 5.76
CA ALA B 302 27.85 -8.67 6.53
C ALA B 302 26.51 -9.04 7.16
N CYS B 303 25.73 -9.83 6.42
CA CYS B 303 24.43 -10.26 6.90
C CYS B 303 24.62 -11.06 8.19
N PHE B 304 25.79 -11.67 8.31
CA PHE B 304 26.06 -12.49 9.48
C PHE B 304 27.07 -11.92 10.47
N GLY B 305 27.13 -10.60 10.57
CA GLY B 305 28.02 -9.98 11.53
C GLY B 305 29.29 -9.28 11.11
N LEU B 306 29.73 -9.46 9.87
CA LEU B 306 30.98 -8.78 9.52
C LEU B 306 30.73 -7.29 9.34
N ALA B 307 31.31 -6.51 10.27
CA ALA B 307 31.18 -5.05 10.27
C ALA B 307 32.50 -4.37 9.92
N ARG B 308 32.41 -3.40 9.02
CA ARG B 308 33.57 -2.64 8.57
C ARG B 308 34.30 -1.93 9.70
N GLU B 309 33.60 -1.59 10.78
CA GLU B 309 34.25 -0.93 11.92
C GLU B 309 35.14 -1.92 12.66
N GLY B 310 34.91 -3.20 12.42
CA GLY B 310 35.69 -4.24 13.07
C GLY B 310 34.83 -5.22 13.82
N ASN B 311 35.46 -6.31 14.25
CA ASN B 311 34.78 -7.38 15.00
C ASN B 311 35.75 -8.00 16.02
N HIS B 312 35.24 -8.39 17.17
CA HIS B 312 36.08 -9.02 18.18
C HIS B 312 35.21 -9.85 19.10
N LYS B 313 35.81 -10.85 19.74
CA LYS B 313 35.08 -11.71 20.66
C LYS B 313 35.40 -11.29 22.09
N PRO B 314 34.49 -11.55 23.03
CA PRO B 314 34.64 -11.20 24.45
C PRO B 314 36.03 -11.42 25.03
N ILE B 315 36.69 -12.50 24.62
CA ILE B 315 38.04 -12.80 25.10
C ILE B 315 38.91 -11.54 25.06
N ASP B 316 39.47 -11.17 26.21
CA ASP B 316 40.30 -9.98 26.36
C ASP B 316 41.51 -9.94 25.44
N TYR B 317 41.70 -8.81 24.77
CA TYR B 317 42.82 -8.61 23.85
C TYR B 317 44.02 -7.95 24.51
N LEU B 318 43.75 -7.06 25.47
CA LEU B 318 44.81 -6.36 26.20
C LEU B 318 45.10 -7.05 27.54
MN MN C . -13.97 4.23 5.69
MN MN D . -13.36 7.52 5.62
N LYS E . -9.15 2.96 11.37
CA LYS E . -8.10 2.35 10.52
C LYS E . -6.84 3.23 10.58
O LYS E . -5.95 2.97 9.74
CB LYS E . -8.64 2.21 9.07
CG LYS E . -8.93 3.52 8.38
CD LYS E . -9.45 3.32 6.99
CE LYS E . -9.69 4.66 6.38
NZ LYS E . -10.21 4.57 5.00
OXT LYS E . -6.78 4.15 11.43
MN MN F . 17.13 -8.29 -10.96
MN MN G . 15.45 -10.34 -9.14
N LYS H . 11.33 -7.29 -15.72
CA LYS H . 11.98 -8.17 -16.71
C LYS H . 11.10 -9.40 -16.98
O LYS H . 11.51 -10.19 -17.85
CB LYS H . 13.37 -8.59 -16.20
CG LYS H . 13.41 -9.54 -15.01
CD LYS H . 14.82 -9.86 -14.63
CE LYS H . 14.84 -10.80 -13.45
NZ LYS H . 16.22 -11.16 -13.04
OXT LYS H . 10.04 -9.55 -16.34
#